data_7UAE
#
_entry.id   7UAE
#
_cell.length_a   1.00
_cell.length_b   1.00
_cell.length_c   1.00
_cell.angle_alpha   90.00
_cell.angle_beta   90.00
_cell.angle_gamma   90.00
#
_symmetry.space_group_name_H-M   'P 1'
#
loop_
_entity.id
_entity.type
_entity.pdbx_description
1 polymer 'Meprin A subunit alpha'
2 branched beta-D-mannopyranose-(1-4)-2-acetamido-2-deoxy-beta-D-glucopyranose-(1-4)-2-acetamido-2-deoxy-beta-D-glucopyranose
3 branched 2-acetamido-2-deoxy-beta-D-glucopyranose-(1-4)-2-acetamido-2-deoxy-beta-D-glucopyranose
4 branched beta-D-mannopyranose-(1-4)-2-acetamido-2-deoxy-beta-D-glucopyranose-(1-4)-[alpha-L-fucopyranose-(1-6)]2-acetamido-2-deoxy-beta-D-glucopyranose
5 non-polymer 'CALCIUM ION'
6 non-polymer 'ZINC ION'
7 non-polymer 2-acetamido-2-deoxy-beta-D-glucopyranose
#
_entity_poly.entity_id   1
_entity_poly.type   'polypeptide(L)'
_entity_poly.pdbx_seq_one_letter_code
;WSHPQFEKVPIKYLPEENVHDADFGEQKDISEINLAAGLDLFQGDILLQKSRNGLRDPNTRWTFPIPYILADNLGLNAKG
AILYAFEMFRLKSCVDFKPYEGESSYIIFQQFDGCWSEVGDQHVGQNISIGQGCAYKAIIEHEILHALGFYHEQSRTDRD
DYVNIWWDQILSGYQHNFDTYDDSLITDLNTPYDYESLMHYQPFSFNKNASVPTITAKIPEFNSIIGQRLDFSAIDLERL
NRMYNCTTTHTLLDHCTFEKANICGMIQGTRDDTDWAHQDSAQAGEVDHTLLGQCTGAGYFMQFSTSSGSAEEAALLESR
ILYPKRKQQCLQFFYKMTGSPSDRLVVWVRRDDSTGNVRKLVKVQTFQGDDDHNWKIAHVVLKEEQKFRYLFQGTKGDPQ
NSTGGIYLDDITLTETPCPTGVWTVRNFSQVLENTSKGDKLQSPRFYNSEGYGFGVTLYPNSRESSGYLRLAFHVCSGEN
DAILEWPVENRQVIITILDQEPDVRNRMSSSMVFTTSKSHTSPAINDTVIWDRPSRVGTYHTDCNCFRSIDLGWSGFISH
QMLKRRSFLKNDDLIIFVDFEDITHLS
;
_entity_poly.pdbx_strand_id   A
#
# COMPACT_ATOMS: atom_id res chain seq x y z
N ASN A 53 5.89 -16.89 -18.88
CA ASN A 53 6.13 -15.67 -19.69
C ASN A 53 7.54 -15.09 -19.52
N GLY A 54 8.50 -15.76 -18.87
CA GLY A 54 9.85 -15.22 -18.66
C GLY A 54 10.82 -15.65 -19.73
N LEU A 55 11.62 -14.74 -20.24
CA LEU A 55 12.61 -14.96 -21.30
C LEU A 55 13.66 -15.98 -20.83
N ARG A 56 13.89 -17.06 -21.58
CA ARG A 56 14.66 -18.24 -21.14
C ARG A 56 16.17 -18.03 -21.10
N ASP A 57 16.72 -17.30 -22.05
CA ASP A 57 18.16 -17.11 -22.20
C ASP A 57 18.78 -16.39 -20.97
N PRO A 58 19.68 -17.03 -20.21
CA PRO A 58 20.25 -16.44 -19.00
C PRO A 58 21.12 -15.22 -19.25
N ASN A 59 21.63 -14.98 -20.47
CA ASN A 59 22.37 -13.75 -20.78
C ASN A 59 21.48 -12.50 -20.80
N THR A 60 20.16 -12.65 -20.69
CA THR A 60 19.21 -11.53 -20.58
C THR A 60 18.93 -11.12 -19.14
N ARG A 61 19.55 -11.81 -18.17
CA ARG A 61 19.29 -11.53 -16.74
C ARG A 61 20.14 -10.36 -16.25
N TRP A 62 19.54 -9.47 -15.45
CA TRP A 62 20.29 -8.37 -14.82
C TRP A 62 21.16 -8.83 -13.66
N THR A 63 22.17 -8.04 -13.30
CA THR A 63 22.89 -8.17 -12.02
C THR A 63 22.55 -6.97 -11.14
N PHE A 64 21.95 -7.22 -9.97
CA PHE A 64 21.47 -6.14 -9.10
C PHE A 64 22.61 -5.44 -8.35
N PRO A 65 22.46 -4.13 -8.03
CA PRO A 65 21.35 -3.26 -8.37
C PRO A 65 21.38 -2.82 -9.84
N ILE A 66 20.23 -2.73 -10.50
CA ILE A 66 20.10 -2.24 -11.87
C ILE A 66 20.42 -0.75 -11.89
N PRO A 67 21.41 -0.28 -12.65
CA PRO A 67 21.67 1.14 -12.75
C PRO A 67 20.60 1.83 -13.61
N TYR A 68 20.08 2.96 -13.15
CA TYR A 68 19.06 3.74 -13.85
C TYR A 68 19.45 5.19 -14.05
N ILE A 69 18.91 5.79 -15.11
CA ILE A 69 18.87 7.23 -15.34
C ILE A 69 17.40 7.65 -15.39
N LEU A 70 17.02 8.71 -14.69
CA LEU A 70 15.75 9.39 -14.93
C LEU A 70 16.02 10.62 -15.80
N ALA A 71 15.43 10.68 -16.98
CA ALA A 71 15.68 11.78 -17.91
C ALA A 71 14.82 13.01 -17.62
N ASP A 72 15.31 14.19 -17.99
CA ASP A 72 14.60 15.45 -17.71
C ASP A 72 13.42 15.75 -18.67
N ASN A 73 13.14 14.91 -19.66
CA ASN A 73 11.87 14.97 -20.37
C ASN A 73 10.71 14.31 -19.60
N LEU A 74 10.98 13.55 -18.53
CA LEU A 74 9.96 13.17 -17.56
C LEU A 74 9.52 14.41 -16.77
N GLY A 75 8.23 14.52 -16.45
CA GLY A 75 7.79 15.49 -15.44
C GLY A 75 8.22 15.05 -14.04
N LEU A 76 8.15 15.96 -13.06
CA LEU A 76 8.39 15.60 -11.66
C LEU A 76 7.48 14.47 -11.20
N ASN A 77 6.21 14.47 -11.62
CA ASN A 77 5.26 13.44 -11.23
C ASN A 77 5.76 12.04 -11.62
N ALA A 78 6.24 11.90 -12.85
CA ALA A 78 6.75 10.64 -13.35
C ALA A 78 8.02 10.21 -12.60
N LYS A 79 8.99 11.09 -12.35
CA LYS A 79 10.16 10.75 -11.54
C LYS A 79 9.76 10.24 -10.15
N GLY A 80 8.87 10.95 -9.46
CA GLY A 80 8.40 10.52 -8.15
C GLY A 80 7.66 9.18 -8.20
N ALA A 81 6.84 8.96 -9.22
CA ALA A 81 6.15 7.69 -9.42
C ALA A 81 7.11 6.52 -9.68
N ILE A 82 8.18 6.74 -10.45
CA ILE A 82 9.19 5.71 -10.70
C ILE A 82 9.93 5.35 -9.41
N LEU A 83 10.38 6.35 -8.64
CA LEU A 83 11.04 6.06 -7.36
C LEU A 83 10.10 5.36 -6.39
N TYR A 84 8.81 5.70 -6.35
CA TYR A 84 7.81 4.97 -5.59
C TYR A 84 7.67 3.52 -6.06
N ALA A 85 7.68 3.25 -7.36
CA ALA A 85 7.67 1.87 -7.88
C ALA A 85 8.94 1.10 -7.47
N PHE A 86 10.12 1.71 -7.46
CA PHE A 86 11.31 1.04 -6.95
C PHE A 86 11.19 0.65 -5.48
N GLU A 87 10.57 1.48 -4.64
CA GLU A 87 10.31 1.09 -3.26
C GLU A 87 9.41 -0.15 -3.17
N MET A 88 8.41 -0.28 -4.03
CA MET A 88 7.57 -1.49 -4.05
C MET A 88 8.35 -2.74 -4.44
N PHE A 89 9.25 -2.66 -5.41
CA PHE A 89 10.12 -3.79 -5.73
C PHE A 89 11.00 -4.16 -4.54
N ARG A 90 11.68 -3.20 -3.91
CA ARG A 90 12.53 -3.46 -2.74
C ARG A 90 11.76 -4.01 -1.55
N LEU A 91 10.46 -3.72 -1.44
CA LEU A 91 9.57 -4.18 -0.38
C LEU A 91 8.98 -5.58 -0.61
N LYS A 92 8.88 -6.05 -1.85
CA LYS A 92 8.24 -7.33 -2.19
C LYS A 92 9.17 -8.34 -2.85
N SER A 93 10.42 -7.96 -3.12
CA SER A 93 11.40 -8.78 -3.82
C SER A 93 12.83 -8.40 -3.40
N CYS A 94 13.83 -9.09 -3.95
CA CYS A 94 15.23 -8.69 -3.84
C CYS A 94 15.73 -7.83 -5.00
N VAL A 95 14.87 -7.46 -5.96
CA VAL A 95 15.24 -6.55 -7.05
C VAL A 95 15.66 -5.21 -6.45
N ASP A 96 16.72 -4.61 -6.99
CA ASP A 96 17.23 -3.33 -6.52
C ASP A 96 17.76 -2.48 -7.67
N PHE A 97 17.86 -1.17 -7.43
CA PHE A 97 18.12 -0.14 -8.42
C PHE A 97 19.11 0.89 -7.86
N LYS A 98 19.98 1.49 -8.69
CA LYS A 98 20.91 2.54 -8.26
C LYS A 98 21.06 3.66 -9.30
N PRO A 99 21.43 4.90 -8.93
CA PRO A 99 21.83 5.93 -9.88
C PRO A 99 23.03 5.51 -10.73
N TYR A 100 23.17 6.07 -11.93
CA TYR A 100 23.94 5.46 -13.01
C TYR A 100 25.44 5.29 -12.77
N GLU A 101 26.16 6.36 -12.42
CA GLU A 101 27.60 6.36 -12.13
C GLU A 101 28.54 5.83 -13.24
N GLY A 102 28.06 5.54 -14.45
CA GLY A 102 28.89 5.04 -15.56
C GLY A 102 29.10 3.53 -15.54
N GLU A 103 28.15 2.78 -16.11
CA GLU A 103 28.13 1.31 -16.14
C GLU A 103 27.65 0.80 -17.52
N SER A 104 27.96 -0.47 -17.84
CA SER A 104 27.86 -1.01 -19.20
C SER A 104 26.44 -1.14 -19.72
N SER A 105 25.51 -1.71 -18.96
CA SER A 105 24.07 -1.71 -19.29
C SER A 105 23.22 -1.11 -18.17
N TYR A 106 22.20 -0.36 -18.55
CA TYR A 106 21.40 0.49 -17.69
C TYR A 106 20.02 0.74 -18.28
N ILE A 107 19.06 1.14 -17.45
CA ILE A 107 17.72 1.55 -17.90
C ILE A 107 17.64 3.07 -17.86
N ILE A 108 17.28 3.71 -18.96
CA ILE A 108 16.97 5.14 -18.97
C ILE A 108 15.46 5.32 -19.14
N PHE A 109 14.84 6.02 -18.20
CA PHE A 109 13.41 6.29 -18.18
C PHE A 109 13.15 7.65 -18.81
N GLN A 110 12.25 7.69 -19.79
CA GLN A 110 11.97 8.87 -20.61
C GLN A 110 10.47 9.01 -20.90
N GLN A 111 10.04 10.19 -21.31
CA GLN A 111 8.69 10.43 -21.81
C GLN A 111 8.66 10.40 -23.33
N PHE A 112 8.12 9.34 -23.92
CA PHE A 112 7.78 9.25 -25.34
C PHE A 112 6.30 8.92 -25.51
N ASP A 113 5.86 8.64 -26.74
CA ASP A 113 4.48 8.25 -27.01
C ASP A 113 4.15 6.88 -26.38
N GLY A 114 3.24 6.85 -25.41
CA GLY A 114 2.78 5.63 -24.76
C GLY A 114 3.71 5.02 -23.72
N CYS A 115 3.32 3.86 -23.21
CA CYS A 115 4.09 3.06 -22.27
C CYS A 115 4.71 1.86 -22.95
N TRP A 116 6.03 1.69 -22.85
CA TRP A 116 6.72 0.54 -23.41
C TRP A 116 8.11 0.36 -22.83
N SER A 117 8.67 -0.84 -23.01
CA SER A 117 10.00 -1.26 -22.59
C SER A 117 10.53 -2.33 -23.55
N GLU A 118 11.83 -2.41 -23.74
CA GLU A 118 12.46 -3.64 -24.28
C GLU A 118 12.36 -4.76 -23.25
N VAL A 119 12.44 -6.03 -23.67
CA VAL A 119 12.31 -7.17 -22.76
C VAL A 119 13.68 -7.77 -22.43
N GLY A 120 14.01 -7.84 -21.14
CA GLY A 120 15.31 -8.33 -20.66
C GLY A 120 16.46 -7.32 -20.81
N ASP A 121 17.60 -7.61 -20.19
CA ASP A 121 18.81 -6.79 -20.28
C ASP A 121 19.33 -6.73 -21.72
N GLN A 122 19.43 -5.54 -22.28
CA GLN A 122 20.12 -5.27 -23.53
C GLN A 122 21.46 -4.63 -23.15
N HIS A 123 22.57 -5.27 -23.53
CA HIS A 123 23.86 -4.96 -22.94
C HIS A 123 24.43 -3.57 -23.29
N VAL A 124 23.84 -2.85 -24.25
CA VAL A 124 24.18 -1.46 -24.60
C VAL A 124 23.36 -0.39 -23.85
N GLY A 125 22.50 -0.77 -22.91
CA GLY A 125 21.56 0.13 -22.25
C GLY A 125 20.26 0.30 -23.05
N GLN A 126 19.13 0.46 -22.34
CA GLN A 126 17.82 0.47 -23.07
C GLN A 126 16.91 1.60 -22.58
N ASN A 127 15.70 1.72 -23.16
CA ASN A 127 14.80 2.84 -22.83
C ASN A 127 13.46 2.36 -22.26
N ILE A 128 12.91 3.07 -21.27
CA ILE A 128 11.53 2.73 -20.76
C ILE A 128 10.67 4.00 -20.88
N SER A 129 9.63 3.95 -21.71
CA SER A 129 8.77 5.11 -21.94
C SER A 129 7.62 5.14 -20.95
N ILE A 130 7.38 6.29 -20.35
CA ILE A 130 6.23 6.59 -19.48
C ILE A 130 5.59 7.87 -20.01
N GLY A 131 4.56 7.72 -20.84
CA GLY A 131 3.87 8.84 -21.49
C GLY A 131 2.84 9.56 -20.61
N GLN A 132 2.01 10.40 -21.22
CA GLN A 132 0.87 11.02 -20.54
C GLN A 132 -0.08 9.94 -19.99
N GLY A 133 -0.48 10.06 -18.72
CA GLY A 133 -1.37 9.11 -18.05
C GLY A 133 -0.74 7.76 -17.68
N CYS A 134 0.54 7.53 -17.96
CA CYS A 134 1.23 6.30 -17.56
C CYS A 134 1.73 6.30 -16.12
N ALA A 135 1.76 7.44 -15.42
CA ALA A 135 2.51 7.62 -14.18
C ALA A 135 1.80 7.05 -12.94
N TYR A 136 1.41 5.78 -12.98
CA TYR A 136 0.74 5.07 -11.91
C TYR A 136 1.53 3.81 -11.53
N LYS A 137 1.61 3.48 -10.24
CA LYS A 137 2.38 2.34 -9.69
C LYS A 137 2.30 1.09 -10.56
N ALA A 138 1.09 0.60 -10.82
CA ALA A 138 0.87 -0.64 -11.55
C ALA A 138 1.41 -0.60 -12.98
N ILE A 139 1.34 0.55 -13.64
CA ILE A 139 1.85 0.73 -15.00
C ILE A 139 3.38 0.78 -15.00
N ILE A 140 4.01 1.46 -14.05
CA ILE A 140 5.48 1.49 -13.96
C ILE A 140 6.01 0.09 -13.66
N GLU A 141 5.39 -0.63 -12.74
CA GLU A 141 5.73 -2.02 -12.41
C GLU A 141 5.61 -2.95 -13.61
N HIS A 142 4.59 -2.78 -14.45
CA HIS A 142 4.43 -3.55 -15.67
C HIS A 142 5.61 -3.32 -16.65
N GLU A 143 6.03 -2.07 -16.87
CA GLU A 143 7.18 -1.82 -17.74
C GLU A 143 8.50 -2.30 -17.15
N ILE A 144 8.71 -2.16 -15.84
CA ILE A 144 9.90 -2.69 -15.20
C ILE A 144 9.92 -4.22 -15.27
N LEU A 145 8.79 -4.92 -15.15
CA LEU A 145 8.73 -6.36 -15.38
C LEU A 145 9.11 -6.75 -16.81
N HIS A 146 8.78 -5.94 -17.82
CA HIS A 146 9.32 -6.19 -19.16
C HIS A 146 10.84 -6.09 -19.15
N ALA A 147 11.43 -5.02 -18.63
CA ALA A 147 12.88 -4.89 -18.57
C ALA A 147 13.54 -6.02 -17.77
N LEU A 148 12.92 -6.51 -16.71
CA LEU A 148 13.41 -7.65 -15.93
C LEU A 148 13.34 -8.98 -16.70
N GLY A 149 12.47 -9.11 -17.69
CA GLY A 149 12.45 -10.25 -18.61
C GLY A 149 11.10 -10.90 -18.85
N PHE A 150 9.97 -10.28 -18.49
CA PHE A 150 8.65 -10.88 -18.64
C PHE A 150 7.86 -10.32 -19.83
N TYR A 151 7.31 -11.17 -20.68
CA TYR A 151 6.30 -10.82 -21.67
C TYR A 151 4.90 -10.75 -21.05
N HIS A 152 3.88 -10.30 -21.80
CA HIS A 152 2.51 -10.30 -21.30
C HIS A 152 1.98 -11.71 -21.00
N GLU A 153 1.03 -11.85 -20.10
CA GLU A 153 0.55 -13.16 -19.68
C GLU A 153 -0.20 -13.86 -20.82
N GLN A 154 -0.95 -13.12 -21.63
CA GLN A 154 -1.58 -13.69 -22.81
C GLN A 154 -0.58 -14.16 -23.89
N SER A 155 0.72 -13.92 -23.73
CA SER A 155 1.77 -14.38 -24.64
C SER A 155 2.38 -15.71 -24.26
N ARG A 156 1.98 -16.32 -23.14
CA ARG A 156 2.36 -17.70 -22.77
C ARG A 156 2.05 -18.68 -23.90
N THR A 157 2.77 -19.79 -23.95
CA THR A 157 2.63 -20.79 -25.01
C THR A 157 1.29 -21.55 -24.91
N ASP A 158 0.78 -21.72 -23.69
CA ASP A 158 -0.48 -22.41 -23.39
C ASP A 158 -1.71 -21.50 -23.34
N ARG A 159 -1.58 -20.21 -23.69
CA ARG A 159 -2.64 -19.21 -23.48
C ARG A 159 -3.97 -19.53 -24.14
N ASP A 160 -3.96 -20.23 -25.27
CA ASP A 160 -5.17 -20.64 -25.98
C ASP A 160 -6.03 -21.65 -25.19
N ASP A 161 -5.53 -22.20 -24.08
CA ASP A 161 -6.34 -23.00 -23.17
C ASP A 161 -7.14 -22.13 -22.19
N TYR A 162 -6.83 -20.84 -22.07
CA TYR A 162 -7.35 -19.95 -21.03
C TYR A 162 -8.09 -18.73 -21.56
N VAL A 163 -7.72 -18.20 -22.71
CA VAL A 163 -8.27 -16.96 -23.30
C VAL A 163 -8.45 -17.06 -24.82
N ASN A 164 -9.38 -16.28 -25.34
CA ASN A 164 -9.61 -16.07 -26.77
C ASN A 164 -9.05 -14.70 -27.18
N ILE A 165 -8.31 -14.62 -28.28
CA ILE A 165 -7.90 -13.33 -28.87
C ILE A 165 -8.73 -13.08 -30.12
N TRP A 166 -9.37 -11.93 -30.20
CA TRP A 166 -10.24 -11.54 -31.32
C TRP A 166 -9.47 -10.65 -32.28
N TRP A 167 -8.68 -11.25 -33.17
CA TRP A 167 -7.66 -10.55 -33.93
C TRP A 167 -8.18 -9.40 -34.80
N ASP A 168 -9.33 -9.58 -35.45
CA ASP A 168 -9.91 -8.53 -36.28
C ASP A 168 -10.42 -7.31 -35.48
N GLN A 169 -10.43 -7.36 -34.15
CA GLN A 169 -10.77 -6.24 -33.28
C GLN A 169 -9.58 -5.36 -32.91
N ILE A 170 -8.34 -5.82 -33.08
CA ILE A 170 -7.16 -5.07 -32.64
C ILE A 170 -6.86 -3.90 -33.58
N LEU A 171 -6.66 -2.70 -33.05
CA LEU A 171 -6.20 -1.53 -33.79
C LEU A 171 -4.81 -1.76 -34.42
N SER A 172 -4.58 -1.23 -35.62
CA SER A 172 -3.34 -1.44 -36.35
C SER A 172 -2.10 -1.01 -35.56
N GLY A 173 -1.03 -1.80 -35.64
CA GLY A 173 0.25 -1.54 -35.00
C GLY A 173 0.43 -2.10 -33.58
N TYR A 174 -0.66 -2.43 -32.87
CA TYR A 174 -0.59 -2.97 -31.50
C TYR A 174 -0.64 -4.50 -31.41
N GLN A 175 -0.80 -5.20 -32.53
CA GLN A 175 -1.04 -6.64 -32.56
C GLN A 175 0.08 -7.49 -31.94
N HIS A 176 1.34 -7.03 -31.92
CA HIS A 176 2.43 -7.82 -31.34
C HIS A 176 2.27 -8.02 -29.82
N ASN A 177 1.54 -7.17 -29.13
CA ASN A 177 1.22 -7.37 -27.72
C ASN A 177 0.31 -8.59 -27.45
N PHE A 178 -0.24 -9.21 -28.49
CA PHE A 178 -1.06 -10.40 -28.43
C PHE A 178 -0.36 -11.61 -29.06
N ASP A 179 0.87 -11.48 -29.55
CA ASP A 179 1.66 -12.63 -30.01
C ASP A 179 1.89 -13.63 -28.87
N THR A 180 2.03 -14.91 -29.21
CA THR A 180 2.43 -15.98 -28.30
C THR A 180 3.75 -16.58 -28.77
N TYR A 181 4.61 -16.97 -27.84
CA TYR A 181 5.97 -17.43 -28.15
C TYR A 181 6.17 -18.90 -27.80
N ASP A 182 6.99 -19.58 -28.59
CA ASP A 182 7.35 -20.98 -28.39
C ASP A 182 8.23 -21.16 -27.15
N ASP A 183 8.15 -22.34 -26.55
CA ASP A 183 8.83 -22.63 -25.28
C ASP A 183 10.38 -22.63 -25.37
N SER A 184 10.95 -22.59 -26.57
CA SER A 184 12.37 -22.31 -26.77
C SER A 184 12.75 -20.90 -26.29
N LEU A 185 11.91 -19.89 -26.51
CA LEU A 185 12.17 -18.51 -26.09
C LEU A 185 11.69 -18.23 -24.66
N ILE A 186 10.60 -18.83 -24.21
CA ILE A 186 9.97 -18.48 -22.93
C ILE A 186 9.76 -19.69 -22.01
N THR A 187 10.03 -19.48 -20.73
CA THR A 187 9.74 -20.41 -19.63
C THR A 187 8.36 -20.12 -19.04
N ASP A 188 7.72 -21.12 -18.44
CA ASP A 188 6.60 -20.93 -17.52
C ASP A 188 7.05 -20.76 -16.06
N LEU A 189 8.34 -20.96 -15.76
CA LEU A 189 8.93 -21.08 -14.42
C LEU A 189 8.17 -22.08 -13.53
N ASN A 190 7.55 -23.08 -14.14
CA ASN A 190 6.68 -24.06 -13.49
C ASN A 190 5.53 -23.39 -12.70
N THR A 191 4.88 -22.40 -13.29
CA THR A 191 3.70 -21.71 -12.73
C THR A 191 2.51 -21.78 -13.70
N PRO A 192 1.27 -21.88 -13.21
CA PRO A 192 0.08 -21.90 -14.05
C PRO A 192 -0.22 -20.53 -14.67
N TYR A 193 -1.13 -20.49 -15.65
CA TYR A 193 -1.66 -19.25 -16.22
C TYR A 193 -2.38 -18.46 -15.13
N ASP A 194 -2.03 -17.19 -14.91
CA ASP A 194 -2.63 -16.39 -13.85
C ASP A 194 -3.52 -15.27 -14.41
N TYR A 195 -4.83 -15.44 -14.28
CA TYR A 195 -5.80 -14.40 -14.64
C TYR A 195 -5.63 -13.12 -13.83
N GLU A 196 -5.14 -13.19 -12.59
CA GLU A 196 -4.92 -12.03 -11.73
C GLU A 196 -3.57 -11.34 -12.01
N SER A 197 -2.76 -11.84 -12.95
CA SER A 197 -1.43 -11.30 -13.20
C SER A 197 -1.44 -9.85 -13.65
N LEU A 198 -0.54 -9.04 -13.12
CA LEU A 198 -0.30 -7.66 -13.54
C LEU A 198 0.12 -7.57 -15.03
N MET A 199 0.62 -8.67 -15.59
CA MET A 199 1.06 -8.76 -16.97
C MET A 199 -0.05 -9.13 -17.95
N HIS A 200 -1.29 -9.30 -17.51
CA HIS A 200 -2.41 -9.69 -18.37
C HIS A 200 -3.19 -8.46 -18.83
N TYR A 201 -3.53 -8.39 -20.11
CA TYR A 201 -4.37 -7.30 -20.66
C TYR A 201 -5.82 -7.39 -20.20
N GLN A 202 -6.51 -6.25 -20.11
CA GLN A 202 -7.95 -6.16 -19.88
C GLN A 202 -8.75 -6.47 -21.16
N PRO A 203 -10.04 -6.79 -21.09
CA PRO A 203 -10.80 -7.17 -22.27
C PRO A 203 -10.85 -6.10 -23.34
N PHE A 204 -11.11 -4.86 -22.94
CA PHE A 204 -11.13 -3.69 -23.81
C PHE A 204 -9.74 -3.07 -23.91
N SER A 205 -8.82 -3.78 -24.54
CA SER A 205 -7.45 -3.33 -24.81
C SER A 205 -7.23 -3.21 -26.32
N PHE A 206 -6.85 -2.03 -26.79
CA PHE A 206 -6.57 -1.73 -28.21
C PHE A 206 -7.70 -2.14 -29.17
N ASN A 207 -8.94 -2.14 -28.71
CA ASN A 207 -10.12 -2.49 -29.47
C ASN A 207 -10.53 -1.37 -30.45
N LYS A 208 -10.87 -1.73 -31.69
CA LYS A 208 -11.47 -0.85 -32.70
C LYS A 208 -12.81 -0.25 -32.27
N ASN A 209 -13.59 -1.05 -31.53
CA ASN A 209 -14.97 -0.66 -31.13
C ASN A 209 -15.11 -0.68 -29.61
N ALA A 210 -15.72 0.34 -29.01
CA ALA A 210 -15.85 0.51 -27.57
C ALA A 210 -16.75 -0.54 -26.87
N SER A 211 -17.57 -1.27 -27.61
CA SER A 211 -18.52 -2.25 -27.08
C SER A 211 -18.04 -3.70 -27.16
N VAL A 212 -17.05 -4.01 -28.01
CA VAL A 212 -16.60 -5.38 -28.31
C VAL A 212 -15.18 -5.63 -27.78
N PRO A 213 -14.96 -6.64 -26.93
CA PRO A 213 -13.66 -6.88 -26.32
C PRO A 213 -12.65 -7.55 -27.27
N THR A 214 -11.37 -7.26 -27.08
CA THR A 214 -10.24 -7.83 -27.84
C THR A 214 -9.80 -9.18 -27.31
N ILE A 215 -9.88 -9.39 -26.00
CA ILE A 215 -9.44 -10.60 -25.31
C ILE A 215 -10.51 -11.01 -24.32
N THR A 216 -10.86 -12.28 -24.24
CA THR A 216 -11.86 -12.75 -23.27
C THR A 216 -11.45 -14.09 -22.67
N ALA A 217 -11.81 -14.34 -21.43
CA ALA A 217 -11.54 -15.60 -20.76
C ALA A 217 -12.49 -16.69 -21.26
N LYS A 218 -11.99 -17.91 -21.47
CA LYS A 218 -12.82 -19.03 -21.93
C LYS A 218 -13.88 -19.43 -20.90
N ILE A 219 -13.49 -19.46 -19.63
CA ILE A 219 -14.43 -19.53 -18.51
C ILE A 219 -14.94 -18.11 -18.26
N PRO A 220 -16.24 -17.83 -18.38
CA PRO A 220 -16.74 -16.47 -18.54
C PRO A 220 -16.63 -15.59 -17.29
N GLU A 221 -16.57 -16.17 -16.10
CA GLU A 221 -16.42 -15.42 -14.84
C GLU A 221 -15.19 -14.53 -14.82
N PHE A 222 -14.05 -15.03 -15.31
CA PHE A 222 -12.78 -14.31 -15.25
C PHE A 222 -12.72 -13.06 -16.13
N ASN A 223 -13.69 -12.82 -17.02
CA ASN A 223 -13.75 -11.54 -17.76
C ASN A 223 -13.85 -10.35 -16.82
N SER A 224 -14.44 -10.53 -15.64
CA SER A 224 -14.50 -9.51 -14.59
C SER A 224 -13.22 -9.39 -13.77
N ILE A 225 -12.24 -10.28 -13.93
CA ILE A 225 -11.03 -10.40 -13.10
C ILE A 225 -9.77 -10.00 -13.87
N ILE A 226 -9.64 -10.41 -15.15
CA ILE A 226 -8.43 -10.15 -15.95
C ILE A 226 -8.18 -8.65 -16.15
N GLY A 227 -6.91 -8.28 -16.22
CA GLY A 227 -6.51 -6.88 -16.47
C GLY A 227 -6.46 -6.00 -15.23
N GLN A 228 -6.35 -6.56 -14.03
CA GLN A 228 -6.23 -5.79 -12.79
C GLN A 228 -5.03 -4.84 -12.81
N ARG A 229 -5.19 -3.65 -12.24
CA ARG A 229 -4.16 -2.60 -12.12
C ARG A 229 -3.94 -2.17 -10.68
N LEU A 230 -3.97 -3.14 -9.77
CA LEU A 230 -3.69 -2.93 -8.36
C LEU A 230 -2.19 -2.98 -8.09
N ASP A 231 -1.56 -4.13 -8.35
CA ASP A 231 -0.25 -4.51 -7.79
C ASP A 231 0.21 -5.84 -8.40
N PHE A 232 1.38 -6.36 -8.03
CA PHE A 232 1.80 -7.71 -8.44
C PHE A 232 0.86 -8.78 -7.90
N SER A 233 0.54 -9.81 -8.69
CA SER A 233 -0.14 -10.98 -8.13
C SER A 233 0.82 -11.83 -7.29
N ALA A 234 0.30 -12.79 -6.52
CA ALA A 234 1.14 -13.73 -5.81
C ALA A 234 1.99 -14.58 -6.77
N ILE A 235 1.43 -15.00 -7.90
CA ILE A 235 2.13 -15.78 -8.91
C ILE A 235 3.17 -14.91 -9.64
N ASP A 236 2.91 -13.63 -9.88
CA ASP A 236 3.92 -12.72 -10.41
C ASP A 236 5.15 -12.60 -9.50
N LEU A 237 4.98 -12.48 -8.19
CA LEU A 237 6.10 -12.47 -7.26
C LEU A 237 6.81 -13.82 -7.21
N GLU A 238 6.08 -14.93 -7.24
CA GLU A 238 6.71 -16.24 -7.30
C GLU A 238 7.55 -16.41 -8.57
N ARG A 239 7.04 -15.99 -9.73
CA ARG A 239 7.80 -15.97 -10.97
C ARG A 239 9.04 -15.09 -10.87
N LEU A 240 8.93 -13.89 -10.32
CA LEU A 240 10.07 -12.99 -10.15
C LEU A 240 11.13 -13.58 -9.22
N ASN A 241 10.72 -14.17 -8.11
CA ASN A 241 11.63 -14.84 -7.18
C ASN A 241 12.31 -16.04 -7.82
N ARG A 242 11.60 -16.89 -8.56
CA ARG A 242 12.18 -18.03 -9.27
C ARG A 242 13.16 -17.62 -10.35
N MET A 243 12.93 -16.50 -11.03
CA MET A 243 13.83 -16.02 -12.07
C MET A 243 15.15 -15.47 -11.51
N TYR A 244 15.11 -14.71 -10.42
CA TYR A 244 16.26 -13.97 -9.88
C TYR A 244 16.82 -14.52 -8.55
N ASN A 245 16.29 -15.64 -8.08
CA ASN A 245 16.82 -16.29 -6.84
C ASN A 245 16.60 -15.43 -5.59
N CYS A 246 15.51 -14.67 -5.51
CA CYS A 246 15.16 -13.91 -4.32
C CYS A 246 14.52 -14.82 -3.26
N THR A 247 15.21 -15.06 -2.16
CA THR A 247 14.68 -15.79 -0.99
C THR A 247 14.13 -14.85 0.09
N THR A 248 14.48 -13.57 0.04
CA THR A 248 14.14 -12.53 1.02
C THR A 248 13.73 -11.24 0.29
N THR A 249 13.61 -10.12 1.02
CA THR A 249 13.35 -8.80 0.44
C THR A 249 14.03 -7.71 1.27
N HIS A 250 14.38 -6.58 0.66
CA HIS A 250 15.25 -5.55 1.26
C HIS A 250 14.59 -4.71 2.36
N THR A 251 13.28 -4.80 2.58
CA THR A 251 12.57 -3.77 3.35
C THR A 251 11.44 -4.28 4.26
N LEU A 252 11.01 -5.54 4.16
CA LEU A 252 10.18 -6.16 5.20
C LEU A 252 11.07 -6.74 6.29
N LEU A 253 11.10 -6.09 7.46
CA LEU A 253 12.01 -6.43 8.55
C LEU A 253 11.43 -7.48 9.50
N ASP A 254 10.15 -7.35 9.86
CA ASP A 254 9.45 -8.34 10.68
C ASP A 254 7.93 -8.34 10.43
N HIS A 255 7.23 -9.43 10.69
CA HIS A 255 5.78 -9.46 10.73
C HIS A 255 5.28 -10.58 11.62
N CYS A 256 4.08 -10.42 12.20
CA CYS A 256 3.52 -11.39 13.12
C CYS A 256 1.99 -11.37 13.16
N THR A 257 1.39 -12.54 13.28
CA THR A 257 -0.07 -12.77 13.31
C THR A 257 -0.50 -13.58 14.53
N PHE A 258 0.52 -14.01 15.31
CA PHE A 258 0.31 -14.82 16.54
C PHE A 258 -0.31 -16.19 16.24
N GLU A 259 -0.26 -16.68 15.01
CA GLU A 259 -0.97 -17.92 14.66
C GLU A 259 -0.25 -19.22 14.99
N LYS A 260 1.01 -19.18 15.40
CA LYS A 260 1.77 -20.35 15.87
C LYS A 260 2.17 -20.15 17.32
N ALA A 261 2.24 -21.21 18.10
CA ALA A 261 2.41 -21.13 19.56
C ALA A 261 3.76 -20.51 19.98
N ASN A 262 4.72 -20.47 19.06
CA ASN A 262 5.98 -19.76 19.15
C ASN A 262 5.84 -18.22 19.26
N ILE A 263 4.66 -17.66 18.99
CA ILE A 263 4.36 -16.21 18.97
C ILE A 263 5.43 -15.39 18.26
N CYS A 264 5.85 -15.84 17.07
CA CYS A 264 6.82 -15.16 16.22
C CYS A 264 8.18 -14.90 16.89
N GLY A 265 8.55 -15.70 17.89
CA GLY A 265 9.79 -15.52 18.65
C GLY A 265 9.73 -14.40 19.68
N MET A 266 8.57 -13.80 19.94
CA MET A 266 8.41 -12.82 21.00
C MET A 266 8.58 -13.44 22.38
N ILE A 267 9.11 -12.66 23.31
CA ILE A 267 9.42 -13.07 24.68
C ILE A 267 8.68 -12.16 25.65
N GLN A 268 8.40 -12.66 26.84
CA GLN A 268 7.75 -11.88 27.89
C GLN A 268 8.76 -11.52 28.97
N GLY A 269 8.85 -10.24 29.29
CA GLY A 269 9.74 -9.74 30.34
C GLY A 269 9.34 -10.22 31.73
N THR A 270 10.23 -10.01 32.70
CA THR A 270 10.02 -10.40 34.10
C THR A 270 10.23 -9.26 35.11
N ARG A 271 10.64 -8.07 34.65
CA ARG A 271 10.60 -6.82 35.45
C ARG A 271 9.21 -6.19 35.55
N ASP A 272 8.28 -6.60 34.69
CA ASP A 272 6.86 -6.24 34.74
C ASP A 272 6.11 -6.95 35.88
N ASP A 273 4.81 -6.71 36.04
CA ASP A 273 4.01 -7.34 37.08
C ASP A 273 3.31 -8.64 36.66
N THR A 274 2.97 -8.78 35.38
CA THR A 274 2.08 -9.84 34.84
C THR A 274 2.48 -10.25 33.42
N ASP A 275 1.70 -11.11 32.77
CA ASP A 275 1.95 -11.58 31.39
C ASP A 275 0.76 -11.33 30.46
N TRP A 276 1.04 -11.13 29.18
CA TRP A 276 0.06 -11.20 28.10
C TRP A 276 -0.36 -12.64 27.87
N ALA A 277 -1.64 -12.90 27.65
CA ALA A 277 -2.16 -14.21 27.34
C ALA A 277 -2.27 -14.43 25.83
N HIS A 278 -1.71 -15.52 25.32
CA HIS A 278 -1.95 -15.97 23.96
C HIS A 278 -3.35 -16.60 23.87
N GLN A 279 -4.27 -15.98 23.14
CA GLN A 279 -5.71 -16.20 23.32
C GLN A 279 -6.40 -16.79 22.09
N ASP A 280 -7.36 -17.69 22.34
CA ASP A 280 -7.73 -18.78 21.43
C ASP A 280 -8.86 -18.48 20.44
N SER A 281 -9.52 -17.32 20.54
CA SER A 281 -10.67 -16.93 19.69
C SER A 281 -11.92 -17.83 19.79
N ALA A 282 -12.02 -18.70 20.78
CA ALA A 282 -13.14 -19.61 20.97
C ALA A 282 -14.32 -19.00 21.73
N GLN A 283 -14.05 -18.11 22.69
CA GLN A 283 -15.07 -17.51 23.56
C GLN A 283 -15.96 -16.53 22.81
N ALA A 284 -17.26 -16.49 23.13
CA ALA A 284 -18.26 -15.78 22.35
C ALA A 284 -17.95 -14.28 22.19
N GLY A 285 -17.89 -13.82 20.94
CA GLY A 285 -17.56 -12.44 20.58
C GLY A 285 -16.08 -12.07 20.66
N GLU A 286 -15.19 -12.94 21.14
CA GLU A 286 -13.75 -12.65 21.29
C GLU A 286 -12.95 -13.04 20.04
N VAL A 287 -13.37 -12.64 18.84
CA VAL A 287 -12.72 -13.05 17.59
C VAL A 287 -11.37 -12.39 17.33
N ASP A 288 -10.44 -13.16 16.78
CA ASP A 288 -9.12 -12.73 16.31
C ASP A 288 -9.16 -11.87 15.04
N HIS A 289 -8.30 -10.85 14.88
CA HIS A 289 -8.29 -10.04 13.66
C HIS A 289 -7.80 -10.77 12.41
N THR A 290 -6.86 -11.71 12.47
CA THR A 290 -6.33 -12.38 11.29
C THR A 290 -7.41 -13.10 10.51
N LEU A 291 -8.40 -13.73 11.17
CA LEU A 291 -9.43 -14.53 10.53
C LEU A 291 -10.88 -14.14 10.88
N LEU A 292 -11.12 -13.28 11.86
CA LEU A 292 -12.44 -12.81 12.28
C LEU A 292 -13.48 -13.92 12.48
N GLY A 293 -13.06 -15.04 13.08
CA GLY A 293 -13.93 -16.17 13.38
C GLY A 293 -14.27 -17.07 12.20
N GLN A 294 -13.59 -16.93 11.06
CA GLN A 294 -13.82 -17.79 9.88
C GLN A 294 -13.51 -19.27 10.14
N CYS A 295 -12.37 -19.57 10.76
CA CYS A 295 -11.88 -20.94 10.95
C CYS A 295 -11.93 -21.35 12.42
N THR A 296 -12.59 -22.47 12.73
CA THR A 296 -12.80 -22.94 14.10
C THR A 296 -11.50 -23.38 14.79
N GLY A 297 -11.26 -22.89 16.00
CA GLY A 297 -10.11 -23.27 16.83
C GLY A 297 -8.73 -22.87 16.28
N ALA A 298 -8.63 -21.80 15.50
CA ALA A 298 -7.46 -21.55 14.65
C ALA A 298 -7.11 -20.07 14.38
N GLY A 299 -7.61 -19.11 15.17
CA GLY A 299 -7.24 -17.70 15.08
C GLY A 299 -6.72 -17.16 16.42
N TYR A 300 -5.57 -16.49 16.47
CA TYR A 300 -4.90 -16.17 17.73
C TYR A 300 -4.44 -14.72 17.82
N PHE A 301 -4.70 -14.10 18.97
CA PHE A 301 -4.29 -12.75 19.32
C PHE A 301 -3.61 -12.76 20.68
N MET A 302 -2.91 -11.70 21.03
CA MET A 302 -2.38 -11.51 22.38
C MET A 302 -3.33 -10.61 23.16
N GLN A 303 -3.64 -10.97 24.39
CA GLN A 303 -4.58 -10.25 25.25
C GLN A 303 -3.93 -9.84 26.58
N PHE A 304 -4.31 -8.69 27.11
CA PHE A 304 -3.97 -8.25 28.44
C PHE A 304 -5.24 -7.78 29.14
N SER A 305 -5.78 -8.59 30.04
CA SER A 305 -6.98 -8.25 30.80
C SER A 305 -6.72 -7.13 31.79
N THR A 306 -7.67 -6.21 31.94
CA THR A 306 -7.55 -5.07 32.88
C THR A 306 -8.69 -5.03 33.89
N SER A 307 -9.51 -6.07 34.00
CA SER A 307 -10.70 -6.12 34.87
C SER A 307 -10.44 -6.56 36.32
N SER A 308 -9.18 -6.77 36.73
CA SER A 308 -8.82 -7.31 38.05
C SER A 308 -7.41 -6.91 38.48
N GLY A 309 -7.09 -7.09 39.77
CA GLY A 309 -5.78 -6.74 40.34
C GLY A 309 -5.66 -5.26 40.69
N SER A 310 -4.43 -4.76 40.87
CA SER A 310 -4.17 -3.36 41.20
C SER A 310 -4.14 -2.47 39.97
N ALA A 311 -4.49 -1.19 40.13
CA ALA A 311 -4.13 -0.18 39.15
C ALA A 311 -2.61 -0.07 38.99
N GLU A 312 -2.15 0.42 37.84
CA GLU A 312 -0.74 0.54 37.45
C GLU A 312 0.08 -0.77 37.35
N GLU A 313 -0.52 -1.96 37.46
CA GLU A 313 0.14 -3.19 37.00
C GLU A 313 0.35 -3.16 35.48
N ALA A 314 1.41 -3.82 35.01
CA ALA A 314 1.77 -3.87 33.60
C ALA A 314 2.35 -5.22 33.18
N ALA A 315 2.36 -5.45 31.86
CA ALA A 315 2.98 -6.59 31.20
C ALA A 315 3.73 -6.15 29.95
N LEU A 316 4.95 -6.64 29.74
CA LEU A 316 5.77 -6.39 28.58
C LEU A 316 5.80 -7.60 27.65
N LEU A 317 5.43 -7.38 26.40
CA LEU A 317 5.65 -8.30 25.29
C LEU A 317 6.75 -7.71 24.41
N GLU A 318 7.78 -8.47 24.11
CA GLU A 318 9.04 -7.95 23.57
C GLU A 318 9.52 -8.77 22.37
N SER A 319 9.86 -8.13 21.26
CA SER A 319 10.24 -8.82 20.02
C SER A 319 11.58 -9.55 20.11
N ARG A 320 11.88 -10.29 19.04
CA ARG A 320 13.23 -10.87 18.93
C ARG A 320 14.11 -9.74 18.39
N ILE A 321 15.44 -9.85 18.51
CA ILE A 321 16.38 -8.80 18.07
C ILE A 321 16.35 -8.69 16.55
N LEU A 322 16.34 -7.46 16.04
CA LEU A 322 16.27 -7.12 14.63
C LEU A 322 17.48 -6.29 14.23
N TYR A 323 17.93 -6.45 12.99
CA TYR A 323 19.09 -5.76 12.43
C TYR A 323 18.64 -4.85 11.28
N PRO A 324 18.37 -3.56 11.54
CA PRO A 324 17.86 -2.66 10.52
C PRO A 324 18.92 -2.37 9.45
N LYS A 325 18.50 -2.30 8.19
CA LYS A 325 19.32 -1.91 7.05
C LYS A 325 19.24 -0.42 6.74
N ARG A 326 18.19 0.28 7.21
CA ARG A 326 17.96 1.72 6.99
C ARG A 326 17.92 2.51 8.29
N LYS A 327 17.79 3.84 8.17
CA LYS A 327 17.69 4.78 9.30
C LYS A 327 16.28 4.97 9.85
N GLN A 328 15.24 4.52 9.15
CA GLN A 328 13.85 4.73 9.53
C GLN A 328 13.00 3.49 9.26
N GLN A 329 12.06 3.19 10.15
CA GLN A 329 11.15 2.07 10.04
C GLN A 329 9.73 2.47 10.46
N CYS A 330 8.73 1.75 9.98
CA CYS A 330 7.33 1.92 10.37
C CYS A 330 6.77 0.63 10.94
N LEU A 331 6.23 0.69 12.16
CA LEU A 331 5.59 -0.43 12.83
C LEU A 331 4.07 -0.27 12.75
N GLN A 332 3.40 -1.16 12.05
CA GLN A 332 1.96 -1.20 11.83
C GLN A 332 1.37 -2.33 12.66
N PHE A 333 0.27 -2.12 13.37
CA PHE A 333 -0.43 -3.20 14.07
C PHE A 333 -1.92 -2.93 14.26
N PHE A 334 -2.70 -3.96 14.58
CA PHE A 334 -4.12 -3.86 14.92
C PHE A 334 -4.32 -4.12 16.40
N TYR A 335 -5.21 -3.37 17.04
CA TYR A 335 -5.43 -3.45 18.48
C TYR A 335 -6.87 -3.13 18.89
N LYS A 336 -7.26 -3.47 20.11
CA LYS A 336 -8.51 -3.02 20.78
C LYS A 336 -8.21 -2.63 22.21
N MET A 337 -9.05 -1.78 22.78
CA MET A 337 -8.97 -1.35 24.18
C MET A 337 -10.38 -1.27 24.77
N THR A 338 -10.97 -2.41 25.08
CA THR A 338 -12.33 -2.51 25.64
C THR A 338 -12.38 -2.32 27.15
N GLY A 339 -11.25 -2.02 27.80
CA GLY A 339 -11.15 -1.87 29.24
C GLY A 339 -11.53 -0.49 29.77
N SER A 340 -10.85 -0.02 30.80
CA SER A 340 -11.04 1.31 31.36
C SER A 340 -10.50 2.40 30.41
N PRO A 341 -11.07 3.61 30.37
CA PRO A 341 -10.47 4.76 29.70
C PRO A 341 -9.07 5.12 30.19
N SER A 342 -8.68 4.69 31.39
CA SER A 342 -7.35 4.94 31.95
C SER A 342 -6.35 3.81 31.66
N ASP A 343 -6.75 2.71 31.02
CA ASP A 343 -5.80 1.72 30.51
C ASP A 343 -4.94 2.32 29.39
N ARG A 344 -3.69 1.88 29.28
CA ARG A 344 -2.73 2.36 28.27
C ARG A 344 -2.05 1.20 27.55
N LEU A 345 -1.84 1.37 26.27
CA LEU A 345 -0.90 0.58 25.48
C LEU A 345 0.25 1.50 25.08
N VAL A 346 1.47 1.18 25.47
CA VAL A 346 2.66 1.99 25.19
C VAL A 346 3.61 1.17 24.34
N VAL A 347 4.15 1.76 23.29
CA VAL A 347 5.17 1.13 22.45
C VAL A 347 6.53 1.69 22.82
N TRP A 348 7.49 0.79 23.01
CA TRP A 348 8.86 1.06 23.42
C TRP A 348 9.82 0.42 22.43
N VAL A 349 11.04 0.92 22.35
CA VAL A 349 12.18 0.25 21.73
C VAL A 349 13.23 -0.05 22.80
N ARG A 350 13.86 -1.21 22.71
CA ARG A 350 15.08 -1.57 23.46
C ARG A 350 16.21 -1.72 22.45
N ARG A 351 17.31 -0.98 22.61
CA ARG A 351 18.34 -1.02 21.55
C ARG A 351 19.76 -1.19 22.08
N ASP A 352 20.69 -1.58 21.20
CA ASP A 352 22.11 -1.71 21.50
C ASP A 352 22.66 -0.43 22.16
N ASP A 353 23.26 -0.55 23.34
CA ASP A 353 23.88 0.58 24.05
C ASP A 353 25.29 0.91 23.56
N SER A 354 25.65 0.42 22.37
CA SER A 354 26.95 0.45 21.70
C SER A 354 28.01 -0.50 22.26
N THR A 355 27.74 -1.23 23.34
CA THR A 355 28.62 -2.33 23.78
C THR A 355 28.28 -3.65 23.10
N GLY A 356 27.29 -3.67 22.21
CA GLY A 356 26.77 -4.88 21.57
C GLY A 356 25.66 -5.56 22.35
N ASN A 357 25.21 -4.96 23.46
CA ASN A 357 24.20 -5.50 24.35
C ASN A 357 22.89 -4.72 24.21
N VAL A 358 21.78 -5.42 23.97
CA VAL A 358 20.48 -4.71 23.72
C VAL A 358 19.82 -4.36 25.06
N ARG A 359 20.10 -3.16 25.61
CA ARG A 359 19.56 -2.76 26.94
C ARG A 359 18.87 -1.40 26.92
N LYS A 360 19.33 -0.44 26.12
CA LYS A 360 18.80 0.96 26.20
C LYS A 360 17.33 1.07 25.81
N LEU A 361 16.48 1.54 26.72
CA LEU A 361 15.06 1.79 26.41
C LEU A 361 14.82 3.19 25.84
N VAL A 362 13.86 3.30 24.93
CA VAL A 362 13.26 4.56 24.46
C VAL A 362 11.75 4.36 24.34
N LYS A 363 10.93 5.24 24.93
CA LYS A 363 9.48 5.26 24.70
C LYS A 363 9.18 5.93 23.37
N VAL A 364 8.35 5.34 22.52
CA VAL A 364 8.03 5.91 21.19
C VAL A 364 6.62 6.43 21.04
N GLN A 365 5.57 5.76 21.54
CA GLN A 365 4.18 6.22 21.40
C GLN A 365 3.24 5.63 22.47
N THR A 366 2.09 6.28 22.73
CA THR A 366 1.06 5.81 23.66
C THR A 366 -0.33 5.83 23.02
N PHE A 367 -1.15 4.81 23.31
CA PHE A 367 -2.51 4.63 22.84
C PHE A 367 -3.47 4.43 24.02
N GLN A 368 -4.71 4.90 23.88
CA GLN A 368 -5.73 4.91 24.94
C GLN A 368 -7.13 4.59 24.39
N GLY A 369 -8.01 4.12 25.25
CA GLY A 369 -9.34 3.64 24.87
C GLY A 369 -10.38 4.76 24.78
N ASP A 370 -10.81 5.09 23.57
CA ASP A 370 -12.07 5.80 23.30
C ASP A 370 -13.29 4.87 23.46
N ASP A 371 -14.49 5.35 23.17
CA ASP A 371 -15.73 4.57 23.25
C ASP A 371 -15.90 3.51 22.16
N ASP A 372 -15.13 3.57 21.07
CA ASP A 372 -15.12 2.55 20.02
C ASP A 372 -14.42 1.27 20.49
N HIS A 373 -15.13 0.14 20.56
CA HIS A 373 -14.58 -1.15 20.97
C HIS A 373 -14.18 -2.08 19.81
N ASN A 374 -14.33 -1.69 18.55
CA ASN A 374 -13.91 -2.51 17.42
C ASN A 374 -12.39 -2.39 17.16
N TRP A 375 -11.80 -3.29 16.37
CA TRP A 375 -10.37 -3.25 16.01
C TRP A 375 -9.95 -1.93 15.37
N LYS A 376 -8.83 -1.37 15.79
CA LYS A 376 -8.22 -0.14 15.27
C LYS A 376 -6.85 -0.44 14.71
N ILE A 377 -6.44 0.28 13.67
CA ILE A 377 -5.08 0.23 13.14
C ILE A 377 -4.20 1.29 13.80
N ALA A 378 -2.93 1.01 14.01
CA ALA A 378 -1.93 1.93 14.54
C ALA A 378 -0.65 1.90 13.71
N HIS A 379 0.01 3.04 13.57
CA HIS A 379 1.34 3.17 12.98
C HIS A 379 2.26 3.93 13.93
N VAL A 380 3.48 3.45 14.12
CA VAL A 380 4.52 4.09 14.91
C VAL A 380 5.79 4.23 14.09
N VAL A 381 6.35 5.43 13.98
CA VAL A 381 7.65 5.66 13.35
C VAL A 381 8.76 5.30 14.32
N LEU A 382 9.71 4.49 13.87
CA LEU A 382 10.93 4.13 14.58
C LEU A 382 12.13 4.65 13.79
N LYS A 383 13.24 4.94 14.46
CA LYS A 383 14.41 5.58 13.86
C LYS A 383 15.68 4.88 14.29
N GLU A 384 15.71 3.56 14.14
CA GLU A 384 16.74 2.70 14.73
C GLU A 384 17.82 2.42 13.69
N GLU A 385 19.07 2.74 14.00
CA GLU A 385 20.21 2.56 13.10
C GLU A 385 21.21 1.49 13.58
N GLN A 386 20.87 0.79 14.66
CA GLN A 386 21.61 -0.30 15.28
C GLN A 386 20.61 -1.35 15.77
N LYS A 387 21.05 -2.57 16.10
CA LYS A 387 20.14 -3.65 16.46
C LYS A 387 19.23 -3.33 17.65
N PHE A 388 17.99 -3.79 17.60
CA PHE A 388 16.93 -3.39 18.54
C PHE A 388 15.81 -4.42 18.66
N ARG A 389 14.91 -4.14 19.61
CA ARG A 389 13.69 -4.95 19.81
C ARG A 389 12.53 -3.98 20.06
N TYR A 390 11.35 -4.21 19.48
CA TYR A 390 10.14 -3.43 19.71
C TYR A 390 9.27 -4.11 20.77
N LEU A 391 8.70 -3.32 21.67
CA LEU A 391 8.11 -3.76 22.92
C LEU A 391 6.71 -3.15 23.07
N PHE A 392 5.74 -3.92 23.55
CA PHE A 392 4.42 -3.43 23.95
C PHE A 392 4.25 -3.55 25.45
N GLN A 393 3.94 -2.45 26.12
CA GLN A 393 3.55 -2.42 27.52
C GLN A 393 2.05 -2.19 27.60
N GLY A 394 1.31 -3.18 28.08
CA GLY A 394 -0.08 -3.00 28.50
C GLY A 394 -0.10 -2.59 29.95
N THR A 395 -0.95 -1.63 30.32
CA THR A 395 -1.02 -1.11 31.69
C THR A 395 -2.46 -0.94 32.14
N LYS A 396 -2.78 -1.39 33.36
CA LYS A 396 -4.12 -1.26 33.94
C LYS A 396 -4.31 0.13 34.54
N GLY A 397 -5.50 0.70 34.39
CA GLY A 397 -5.99 1.81 35.19
C GLY A 397 -7.44 1.57 35.61
N ASP A 398 -7.80 1.88 36.85
CA ASP A 398 -9.15 1.67 37.39
C ASP A 398 -9.74 0.26 37.12
N PRO A 399 -9.15 -0.85 37.60
CA PRO A 399 -9.63 -2.19 37.27
C PRO A 399 -11.08 -2.46 37.67
N GLN A 400 -11.56 -1.86 38.77
CA GLN A 400 -12.96 -1.94 39.19
C GLN A 400 -13.94 -1.20 38.26
N ASN A 401 -13.41 -0.54 37.21
CA ASN A 401 -14.27 0.12 36.20
C ASN A 401 -13.99 -0.49 34.81
N SER A 402 -13.21 -1.56 34.72
CA SER A 402 -12.94 -2.27 33.47
C SER A 402 -13.67 -3.60 33.44
N THR A 403 -14.36 -3.91 32.34
CA THR A 403 -14.89 -5.25 32.04
C THR A 403 -14.16 -5.91 30.88
N GLY A 404 -13.04 -5.35 30.44
CA GLY A 404 -12.36 -5.74 29.21
C GLY A 404 -10.85 -5.74 29.32
N GLY A 405 -10.16 -5.39 28.24
CA GLY A 405 -8.71 -5.39 28.19
C GLY A 405 -8.12 -4.81 26.92
N ILE A 406 -6.83 -5.04 26.72
CA ILE A 406 -6.04 -4.62 25.57
C ILE A 406 -5.77 -5.86 24.69
N TYR A 407 -5.88 -5.73 23.38
CA TYR A 407 -5.75 -6.83 22.42
C TYR A 407 -4.76 -6.45 21.33
N LEU A 408 -3.95 -7.38 20.83
CA LEU A 408 -3.00 -7.17 19.72
C LEU A 408 -3.06 -8.29 18.69
N ASP A 409 -2.95 -7.93 17.41
CA ASP A 409 -2.78 -8.87 16.31
C ASP A 409 -2.12 -8.18 15.10
N ASP A 410 -1.68 -8.94 14.10
CA ASP A 410 -1.32 -8.43 12.77
C ASP A 410 -0.28 -7.30 12.76
N ILE A 411 0.85 -7.54 13.42
CA ILE A 411 2.01 -6.65 13.44
C ILE A 411 2.79 -6.77 12.13
N THR A 412 3.22 -5.65 11.55
CA THR A 412 4.10 -5.60 10.38
C THR A 412 5.13 -4.49 10.59
N LEU A 413 6.40 -4.72 10.27
CA LEU A 413 7.48 -3.76 10.44
C LEU A 413 8.30 -3.63 9.17
N THR A 414 8.28 -2.45 8.55
CA THR A 414 8.93 -2.20 7.25
C THR A 414 9.90 -1.04 7.35
N GLU A 415 11.00 -1.10 6.62
CA GLU A 415 12.02 -0.05 6.59
C GLU A 415 11.66 1.08 5.62
N THR A 416 10.53 1.71 5.89
CA THR A 416 9.85 2.74 5.08
C THR A 416 9.36 3.86 5.98
N PRO A 417 8.97 5.02 5.42
CA PRO A 417 8.10 5.95 6.12
C PRO A 417 6.78 5.29 6.53
N CYS A 418 6.08 5.87 7.52
CA CYS A 418 4.68 5.56 7.79
C CYS A 418 3.75 6.44 6.92
N PRO A 419 2.51 6.01 6.63
CA PRO A 419 1.55 6.85 5.94
C PRO A 419 1.24 8.10 6.75
N THR A 420 1.22 9.25 6.09
CA THR A 420 1.08 10.58 6.71
C THR A 420 -0.28 10.76 7.36
N GLY A 421 -1.33 10.22 6.74
CA GLY A 421 -2.69 10.21 7.27
C GLY A 421 -3.37 8.88 7.01
N VAL A 422 -4.21 8.44 7.94
CA VAL A 422 -4.97 7.19 7.84
C VAL A 422 -6.41 7.43 8.25
N TRP A 423 -7.36 7.00 7.43
CA TRP A 423 -8.79 7.13 7.67
C TRP A 423 -9.44 5.76 7.67
N THR A 424 -10.23 5.44 8.69
CA THR A 424 -11.05 4.23 8.73
C THR A 424 -12.52 4.62 8.63
N VAL A 425 -13.22 4.10 7.62
CA VAL A 425 -14.68 4.26 7.50
C VAL A 425 -15.33 2.97 7.99
N ARG A 426 -16.13 3.07 9.06
CA ARG A 426 -16.77 1.87 9.66
C ARG A 426 -18.04 1.47 8.89
N ASN A 427 -18.44 0.21 8.99
CA ASN A 427 -19.69 -0.30 8.35
C ASN A 427 -19.77 0.12 6.90
N PHE A 428 -18.70 -0.08 6.14
CA PHE A 428 -18.67 0.46 4.79
C PHE A 428 -19.62 -0.29 3.86
N SER A 429 -19.72 -1.60 4.02
CA SER A 429 -20.68 -2.45 3.29
C SER A 429 -22.14 -2.03 3.48
N GLN A 430 -22.46 -1.30 4.55
CA GLN A 430 -23.76 -0.72 4.83
C GLN A 430 -23.85 0.75 4.39
N VAL A 431 -22.79 1.54 4.56
CA VAL A 431 -22.67 2.90 4.01
C VAL A 431 -22.90 2.91 2.51
N LEU A 432 -22.39 1.91 1.80
CA LEU A 432 -22.49 1.75 0.37
C LEU A 432 -23.93 1.54 -0.11
N GLU A 433 -24.82 1.08 0.76
CA GLU A 433 -26.25 0.89 0.50
C GLU A 433 -27.11 2.05 0.97
N ASN A 434 -26.70 2.74 2.03
CA ASN A 434 -27.46 3.84 2.66
C ASN A 434 -27.14 5.24 2.12
N THR A 435 -26.28 5.35 1.11
CA THR A 435 -25.78 6.64 0.59
C THR A 435 -26.25 6.87 -0.85
N SER A 436 -26.92 7.98 -1.12
CA SER A 436 -27.39 8.34 -2.47
C SER A 436 -26.22 8.74 -3.37
N LYS A 437 -26.39 8.67 -4.70
CA LYS A 437 -25.38 9.17 -5.65
C LYS A 437 -25.07 10.63 -5.35
N GLY A 438 -23.78 10.98 -5.30
CA GLY A 438 -23.34 12.36 -5.07
C GLY A 438 -23.41 12.83 -3.62
N ASP A 439 -23.91 12.03 -2.66
CA ASP A 439 -23.58 12.25 -1.25
C ASP A 439 -22.11 11.88 -0.98
N LYS A 440 -21.52 12.45 0.07
CA LYS A 440 -20.09 12.30 0.38
C LYS A 440 -19.78 12.17 1.86
N LEU A 441 -18.62 11.60 2.15
CA LEU A 441 -17.97 11.53 3.45
C LEU A 441 -16.65 12.27 3.37
N GLN A 442 -16.17 12.85 4.46
CA GLN A 442 -14.88 13.52 4.51
C GLN A 442 -14.07 13.07 5.71
N SER A 443 -12.79 12.86 5.48
CA SER A 443 -11.81 12.50 6.51
C SER A 443 -11.64 13.61 7.55
N PRO A 444 -11.21 13.28 8.78
CA PRO A 444 -10.53 14.26 9.63
C PRO A 444 -9.31 14.85 8.93
N ARG A 445 -8.87 16.03 9.38
CA ARG A 445 -7.67 16.72 8.87
C ARG A 445 -6.40 16.05 9.34
N PHE A 446 -5.44 15.89 8.44
CA PHE A 446 -4.07 15.46 8.71
C PHE A 446 -3.08 16.61 8.50
N TYR A 447 -1.81 16.41 8.87
CA TYR A 447 -0.72 17.36 8.64
C TYR A 447 0.52 16.70 8.03
N ASN A 448 1.16 17.35 7.06
CA ASN A 448 2.48 16.94 6.53
C ASN A 448 3.58 17.08 7.58
N SER A 449 4.73 16.47 7.29
CA SER A 449 6.00 16.86 7.92
C SER A 449 6.30 18.36 7.72
N GLU A 450 6.05 18.90 6.53
CA GLU A 450 6.17 20.34 6.22
C GLU A 450 5.10 21.22 6.90
N GLY A 451 4.06 20.66 7.50
CA GLY A 451 3.02 21.42 8.20
C GLY A 451 1.78 21.82 7.39
N TYR A 452 1.70 21.57 6.08
CA TYR A 452 0.45 21.73 5.32
C TYR A 452 -0.65 20.83 5.85
N GLY A 453 -1.89 21.32 5.93
CA GLY A 453 -3.05 20.54 6.30
C GLY A 453 -3.74 19.91 5.09
N PHE A 454 -4.24 18.69 5.20
CA PHE A 454 -4.91 18.02 4.08
C PHE A 454 -5.93 16.99 4.55
N GLY A 455 -6.79 16.55 3.63
CA GLY A 455 -7.77 15.50 3.87
C GLY A 455 -8.24 14.86 2.57
N VAL A 456 -9.14 13.89 2.67
CA VAL A 456 -9.73 13.20 1.52
C VAL A 456 -11.25 13.18 1.60
N THR A 457 -11.88 13.25 0.43
CA THR A 457 -13.32 13.12 0.22
C THR A 457 -13.60 11.76 -0.40
N LEU A 458 -14.57 11.03 0.11
CA LEU A 458 -15.04 9.78 -0.47
C LEU A 458 -16.51 9.93 -0.87
N TYR A 459 -16.83 9.69 -2.12
CA TYR A 459 -18.20 9.60 -2.60
C TYR A 459 -18.47 8.12 -2.87
N PRO A 460 -19.15 7.37 -1.97
CA PRO A 460 -19.24 5.92 -2.09
C PRO A 460 -19.93 5.45 -3.36
N ASN A 461 -20.87 6.22 -3.90
CA ASN A 461 -21.56 5.95 -5.16
C ASN A 461 -21.29 7.09 -6.14
N SER A 462 -20.26 6.97 -6.98
CA SER A 462 -19.83 8.01 -7.90
C SER A 462 -20.91 8.30 -8.94
N ARG A 463 -21.53 9.47 -8.89
CA ARG A 463 -22.49 9.90 -9.89
C ARG A 463 -21.86 10.07 -11.28
N GLU A 464 -20.54 10.26 -11.33
CA GLU A 464 -19.75 10.38 -12.55
C GLU A 464 -19.49 9.01 -13.21
N SER A 465 -19.63 7.90 -12.50
CA SER A 465 -19.32 6.54 -12.95
C SER A 465 -19.99 5.51 -12.05
N SER A 466 -21.19 5.04 -12.41
CA SER A 466 -21.94 4.10 -11.57
C SER A 466 -21.18 2.79 -11.33
N GLY A 467 -21.27 2.26 -10.11
CA GLY A 467 -20.53 1.06 -9.70
C GLY A 467 -19.05 1.30 -9.36
N TYR A 468 -18.66 2.54 -9.10
CA TYR A 468 -17.33 2.89 -8.59
C TYR A 468 -17.38 3.87 -7.42
N LEU A 469 -16.37 3.80 -6.55
CA LEU A 469 -16.04 4.86 -5.61
C LEU A 469 -15.37 6.01 -6.35
N ARG A 470 -15.61 7.22 -5.81
CA ARG A 470 -14.87 8.43 -6.27
C ARG A 470 -14.10 8.92 -5.04
N LEU A 471 -12.77 8.88 -5.07
CA LEU A 471 -11.91 9.21 -3.93
C LEU A 471 -10.97 10.34 -4.35
N ALA A 472 -10.92 11.41 -3.56
CA ALA A 472 -10.31 12.66 -3.96
C ALA A 472 -9.67 13.41 -2.81
N PHE A 473 -8.70 14.25 -3.12
CA PHE A 473 -7.82 14.92 -2.18
C PHE A 473 -8.14 16.40 -2.10
N HIS A 474 -8.09 16.98 -0.91
CA HIS A 474 -8.21 18.42 -0.72
C HIS A 474 -7.23 18.93 0.33
N VAL A 475 -6.88 20.20 0.24
CA VAL A 475 -5.99 20.87 1.17
C VAL A 475 -6.84 21.63 2.18
N CYS A 476 -6.53 21.47 3.47
CA CYS A 476 -7.28 22.04 4.58
C CYS A 476 -6.54 23.21 5.17
N SER A 477 -7.26 24.25 5.60
CA SER A 477 -6.65 25.25 6.48
C SER A 477 -6.16 24.59 7.77
N GLY A 478 -5.04 25.08 8.30
CA GLY A 478 -4.42 24.57 9.51
C GLY A 478 -3.64 25.64 10.26
N GLU A 479 -3.11 25.29 11.42
CA GLU A 479 -2.47 26.27 12.31
C GLU A 479 -1.16 26.86 11.75
N ASN A 480 -0.59 26.25 10.71
CA ASN A 480 0.68 26.67 10.10
C ASN A 480 0.55 27.59 8.89
N ASP A 481 -0.65 27.80 8.33
CA ASP A 481 -0.80 28.28 6.95
C ASP A 481 -0.05 29.58 6.63
N ALA A 482 0.09 30.46 7.62
CA ALA A 482 0.68 31.77 7.44
C ALA A 482 2.16 31.75 7.03
N ILE A 483 2.91 30.70 7.34
CA ILE A 483 4.35 30.60 7.01
C ILE A 483 4.64 29.69 5.82
N LEU A 484 3.66 28.93 5.34
CA LEU A 484 3.83 28.01 4.21
C LEU A 484 3.72 28.73 2.88
N GLU A 485 4.42 28.30 1.83
CA GLU A 485 4.27 28.88 0.51
C GLU A 485 2.97 28.44 -0.17
N TRP A 486 2.35 29.33 -0.93
CA TRP A 486 1.10 29.10 -1.65
C TRP A 486 1.19 29.64 -3.09
N PRO A 487 0.72 28.92 -4.12
CA PRO A 487 0.15 27.59 -4.09
C PRO A 487 1.12 26.52 -3.61
N VAL A 488 0.64 25.31 -3.31
CA VAL A 488 1.51 24.26 -2.77
C VAL A 488 2.54 23.75 -3.80
N GLU A 489 2.27 23.89 -5.10
CA GLU A 489 3.19 23.48 -6.18
C GLU A 489 3.62 22.02 -6.02
N ASN A 490 4.87 21.64 -6.27
CA ASN A 490 5.29 20.27 -6.61
C ASN A 490 5.34 19.27 -5.44
N ARG A 491 4.17 19.06 -4.83
CA ARG A 491 4.05 18.04 -3.74
C ARG A 491 3.25 16.86 -4.31
N GLN A 492 3.74 15.63 -4.16
CA GLN A 492 3.13 14.44 -4.71
C GLN A 492 2.18 13.86 -3.68
N VAL A 493 0.96 13.60 -4.11
CA VAL A 493 -0.09 12.92 -3.36
C VAL A 493 -0.07 11.46 -3.76
N ILE A 494 -0.03 10.57 -2.77
CA ILE A 494 -0.27 9.14 -2.97
C ILE A 494 -1.45 8.74 -2.11
N ILE A 495 -2.51 8.23 -2.72
CA ILE A 495 -3.66 7.67 -2.00
C ILE A 495 -3.62 6.16 -2.18
N THR A 496 -3.83 5.42 -1.11
CA THR A 496 -3.84 3.95 -1.15
C THR A 496 -5.02 3.39 -0.38
N ILE A 497 -5.73 2.43 -0.95
CA ILE A 497 -6.71 1.62 -0.23
C ILE A 497 -6.02 0.32 0.18
N LEU A 498 -5.87 0.12 1.49
CA LEU A 498 -5.09 -0.99 2.03
C LEU A 498 -5.78 -2.33 1.79
N ASP A 499 -5.10 -3.27 1.15
CA ASP A 499 -5.48 -4.68 1.18
C ASP A 499 -5.01 -5.27 2.51
N GLN A 500 -5.92 -5.58 3.44
CA GLN A 500 -5.55 -5.86 4.83
C GLN A 500 -4.96 -7.26 5.03
N GLU A 501 -3.70 -7.43 4.65
CA GLU A 501 -2.91 -8.64 4.90
C GLU A 501 -1.68 -8.31 5.76
N PRO A 502 -1.27 -9.20 6.68
CA PRO A 502 -0.14 -8.94 7.56
C PRO A 502 1.22 -9.12 6.88
N ASP A 503 1.35 -10.04 5.93
CA ASP A 503 2.53 -10.17 5.09
C ASP A 503 2.39 -9.25 3.88
N VAL A 504 3.30 -8.30 3.73
CA VAL A 504 3.24 -7.28 2.68
C VAL A 504 3.27 -7.89 1.29
N ARG A 505 3.88 -9.06 1.13
CA ARG A 505 3.91 -9.78 -0.15
C ARG A 505 2.56 -10.34 -0.57
N ASN A 506 1.61 -10.46 0.34
CA ASN A 506 0.23 -10.85 0.01
C ASN A 506 -0.68 -9.64 -0.27
N ARG A 507 -0.16 -8.41 -0.12
CA ARG A 507 -1.04 -7.21 -0.25
C ARG A 507 -1.11 -6.65 -1.68
N MET A 508 -2.30 -6.57 -2.27
CA MET A 508 -2.49 -5.87 -3.53
C MET A 508 -3.23 -4.56 -3.32
N SER A 509 -2.67 -3.66 -2.51
CA SER A 509 -3.30 -2.39 -2.19
C SER A 509 -3.47 -1.54 -3.44
N SER A 510 -4.67 -1.06 -3.73
CA SER A 510 -4.91 -0.13 -4.83
C SER A 510 -4.29 1.21 -4.50
N SER A 511 -3.64 1.86 -5.46
CA SER A 511 -3.02 3.17 -5.22
C SER A 511 -3.05 4.05 -6.45
N MET A 512 -3.21 5.35 -6.24
CA MET A 512 -3.21 6.38 -7.28
C MET A 512 -2.27 7.51 -6.85
N VAL A 513 -1.66 8.17 -7.83
CA VAL A 513 -0.63 9.18 -7.62
C VAL A 513 -0.93 10.40 -8.47
N PHE A 514 -0.80 11.60 -7.93
CA PHE A 514 -0.70 12.81 -8.74
C PHE A 514 0.18 13.85 -8.06
N THR A 515 0.68 14.83 -8.79
CA THR A 515 1.46 15.92 -8.23
C THR A 515 0.68 17.22 -8.34
N THR A 516 0.50 17.94 -7.24
CA THR A 516 -0.20 19.22 -7.24
C THR A 516 0.53 20.20 -8.15
N SER A 517 -0.22 20.95 -8.95
CA SER A 517 0.33 21.70 -10.09
C SER A 517 -0.33 23.07 -10.25
N LYS A 518 0.41 24.04 -10.76
CA LYS A 518 -0.09 25.37 -11.14
C LYS A 518 -1.14 25.30 -12.26
N SER A 519 -1.16 24.23 -13.05
CA SER A 519 -2.16 23.96 -14.07
C SER A 519 -3.51 23.46 -13.53
N HIS A 520 -3.61 23.07 -12.26
CA HIS A 520 -4.88 22.66 -11.63
C HIS A 520 -5.69 23.89 -11.23
N THR A 521 -6.72 24.19 -12.00
CA THR A 521 -7.55 25.38 -11.86
C THR A 521 -9.03 25.04 -12.04
N SER A 522 -9.95 25.83 -11.51
CA SER A 522 -11.38 25.59 -11.63
C SER A 522 -12.20 26.85 -11.92
N PRO A 523 -13.22 26.80 -12.80
CA PRO A 523 -14.17 27.88 -12.99
C PRO A 523 -14.93 28.29 -11.72
N ALA A 524 -15.07 27.40 -10.73
CA ALA A 524 -15.74 27.70 -9.47
C ALA A 524 -15.03 28.78 -8.64
N ILE A 525 -13.72 28.98 -8.86
CA ILE A 525 -12.87 29.93 -8.12
C ILE A 525 -12.24 30.94 -9.08
N ASN A 526 -13.03 31.42 -10.05
CA ASN A 526 -12.57 32.43 -11.02
C ASN A 526 -11.26 31.98 -11.68
N ASP A 527 -11.20 30.73 -12.14
CA ASP A 527 -10.05 30.20 -12.87
C ASP A 527 -8.70 30.51 -12.19
N THR A 528 -8.64 30.41 -10.86
CA THR A 528 -7.41 30.45 -10.05
C THR A 528 -6.99 29.06 -9.59
N VAL A 529 -5.74 28.91 -9.14
CA VAL A 529 -5.16 27.60 -8.79
C VAL A 529 -5.87 26.96 -7.60
N ILE A 530 -6.25 25.70 -7.73
CA ILE A 530 -6.96 24.94 -6.69
C ILE A 530 -6.17 24.88 -5.37
N TRP A 531 -4.84 24.74 -5.47
CA TRP A 531 -3.91 24.59 -4.36
C TRP A 531 -3.44 25.92 -3.75
N ASP A 532 -4.11 27.04 -4.03
CA ASP A 532 -3.89 28.29 -3.31
C ASP A 532 -4.41 28.16 -1.86
N ARG A 533 -4.10 29.14 -1.00
CA ARG A 533 -4.37 29.11 0.44
C ARG A 533 -5.86 28.86 0.74
N PRO A 534 -6.25 27.83 1.51
CA PRO A 534 -7.65 27.43 1.62
C PRO A 534 -8.61 28.48 2.15
N SER A 535 -8.17 29.47 2.93
CA SER A 535 -9.04 30.57 3.35
C SER A 535 -9.50 31.44 2.18
N ARG A 536 -8.78 31.46 1.06
CA ARG A 536 -9.28 32.27 -0.08
C ARG A 536 -9.96 31.43 -1.17
N VAL A 537 -9.71 30.11 -1.24
CA VAL A 537 -10.26 29.29 -2.34
C VAL A 537 -11.02 28.05 -1.88
N GLY A 538 -11.13 27.82 -0.58
CA GLY A 538 -11.93 26.75 0.00
C GLY A 538 -13.29 27.22 0.52
N THR A 539 -14.02 26.30 1.16
CA THR A 539 -15.33 26.56 1.77
C THR A 539 -15.36 26.05 3.21
N TYR A 540 -15.94 26.83 4.11
CA TYR A 540 -15.91 26.55 5.54
C TYR A 540 -16.77 25.34 5.92
N HIS A 541 -16.28 24.51 6.83
CA HIS A 541 -17.01 23.36 7.37
C HIS A 541 -17.05 23.39 8.90
N THR A 542 -18.24 23.25 9.49
CA THR A 542 -18.43 23.09 10.94
C THR A 542 -17.91 21.75 11.48
N ASP A 543 -17.68 20.77 10.61
CA ASP A 543 -17.19 19.44 10.97
C ASP A 543 -15.76 19.43 11.56
N CYS A 544 -14.94 20.44 11.27
CA CYS A 544 -13.58 20.58 11.82
C CYS A 544 -13.08 22.03 11.95
N ASN A 545 -13.97 23.02 11.78
CA ASN A 545 -13.63 24.44 11.64
C ASN A 545 -12.62 24.73 10.51
N CYS A 546 -12.49 23.82 9.55
CA CYS A 546 -11.58 23.95 8.43
C CYS A 546 -12.21 24.71 7.26
N PHE A 547 -11.39 25.33 6.43
CA PHE A 547 -11.71 25.55 5.03
C PHE A 547 -11.10 24.38 4.26
N ARG A 548 -11.91 23.73 3.41
CA ARG A 548 -11.40 22.63 2.56
C ARG A 548 -11.42 23.08 1.09
N SER A 549 -10.31 22.94 0.37
CA SER A 549 -10.21 23.31 -1.05
C SER A 549 -11.24 22.57 -1.90
N ILE A 550 -11.39 22.97 -3.16
CA ILE A 550 -11.96 22.08 -4.18
C ILE A 550 -11.13 20.79 -4.19
N ASP A 551 -11.75 19.63 -4.30
CA ASP A 551 -11.04 18.35 -4.33
C ASP A 551 -10.66 17.93 -5.75
N LEU A 552 -9.54 17.22 -5.88
CA LEU A 552 -9.07 16.62 -7.12
C LEU A 552 -8.75 15.16 -6.87
N GLY A 553 -9.10 14.28 -7.80
CA GLY A 553 -8.93 12.85 -7.62
C GLY A 553 -9.61 12.07 -8.73
N TRP A 554 -10.01 10.85 -8.44
CA TRP A 554 -10.49 9.92 -9.46
C TRP A 554 -11.90 9.46 -9.17
N SER A 555 -12.85 9.81 -10.04
CA SER A 555 -14.01 8.96 -10.24
C SER A 555 -13.51 7.68 -10.88
N GLY A 556 -14.03 6.53 -10.46
CA GLY A 556 -13.47 5.28 -10.94
C GLY A 556 -12.16 4.88 -10.26
N PHE A 557 -11.94 5.29 -9.00
CA PHE A 557 -10.74 4.90 -8.24
C PHE A 557 -10.67 3.40 -8.06
N ILE A 558 -11.77 2.79 -7.64
CA ILE A 558 -11.96 1.35 -7.52
C ILE A 558 -13.44 1.01 -7.72
N SER A 559 -13.74 -0.14 -8.31
CA SER A 559 -15.12 -0.58 -8.51
C SER A 559 -15.67 -1.29 -7.28
N HIS A 560 -16.98 -1.17 -7.03
CA HIS A 560 -17.68 -1.89 -5.96
C HIS A 560 -17.43 -3.39 -5.97
N GLN A 561 -17.35 -4.02 -7.14
CA GLN A 561 -17.08 -5.46 -7.18
C GLN A 561 -15.63 -5.79 -6.80
N MET A 562 -14.66 -4.95 -7.19
CA MET A 562 -13.27 -5.14 -6.79
C MET A 562 -13.09 -4.91 -5.29
N LEU A 563 -13.81 -3.95 -4.73
CA LEU A 563 -13.77 -3.64 -3.31
C LEU A 563 -14.29 -4.81 -2.44
N LYS A 564 -15.23 -5.63 -2.95
CA LYS A 564 -15.69 -6.85 -2.27
C LYS A 564 -14.80 -8.08 -2.46
N ARG A 565 -13.79 -8.03 -3.32
CA ARG A 565 -12.74 -9.06 -3.43
C ARG A 565 -11.64 -8.80 -2.40
N ARG A 566 -10.78 -9.80 -2.21
CA ARG A 566 -9.58 -9.66 -1.32
C ARG A 566 -9.91 -9.16 0.08
N SER A 567 -8.99 -8.39 0.68
CA SER A 567 -9.16 -7.92 2.05
C SER A 567 -9.30 -6.40 2.14
N PHE A 568 -9.92 -5.74 1.16
CA PHE A 568 -10.19 -4.30 1.22
C PHE A 568 -11.28 -3.92 2.25
N LEU A 569 -12.19 -4.83 2.59
CA LEU A 569 -13.30 -4.59 3.50
C LEU A 569 -13.31 -5.62 4.65
N LYS A 570 -12.14 -5.97 5.20
CA LYS A 570 -11.94 -7.19 5.99
C LYS A 570 -12.94 -7.37 7.13
N ASN A 571 -13.19 -6.32 7.89
CA ASN A 571 -14.14 -6.31 9.01
C ASN A 571 -15.41 -5.51 8.69
N ASP A 572 -15.80 -5.43 7.41
CA ASP A 572 -16.77 -4.46 6.89
C ASP A 572 -16.38 -3.00 7.18
N ASP A 573 -15.09 -2.69 7.25
CA ASP A 573 -14.59 -1.31 7.33
C ASP A 573 -13.39 -1.09 6.41
N LEU A 574 -13.25 0.15 5.95
CA LEU A 574 -12.37 0.53 4.84
C LEU A 574 -11.25 1.39 5.37
N ILE A 575 -9.98 1.05 5.09
CA ILE A 575 -8.81 1.80 5.55
C ILE A 575 -8.13 2.44 4.35
N ILE A 576 -8.07 3.77 4.34
CA ILE A 576 -7.42 4.57 3.31
C ILE A 576 -6.16 5.21 3.92
N PHE A 577 -5.02 5.00 3.30
CA PHE A 577 -3.79 5.73 3.57
C PHE A 577 -3.64 6.91 2.63
N VAL A 578 -3.04 7.99 3.10
CA VAL A 578 -2.67 9.14 2.30
C VAL A 578 -1.27 9.61 2.67
N ASP A 579 -0.49 9.96 1.67
CA ASP A 579 0.76 10.70 1.80
C ASP A 579 0.74 11.95 0.93
N PHE A 580 1.39 13.01 1.40
CA PHE A 580 1.51 14.27 0.70
C PHE A 580 2.89 14.86 1.03
N GLU A 581 3.78 14.91 0.05
CA GLU A 581 5.20 15.21 0.31
C GLU A 581 5.89 15.90 -0.86
N ASP A 582 6.89 16.73 -0.58
CA ASP A 582 7.60 17.49 -1.62
C ASP A 582 8.46 16.57 -2.49
N ILE A 583 8.45 16.79 -3.80
CA ILE A 583 9.35 16.13 -4.75
C ILE A 583 10.14 17.11 -5.60
N THR A 584 10.14 18.40 -5.27
CA THR A 584 10.85 19.44 -6.02
C THR A 584 12.35 19.14 -6.20
N HIS A 585 12.99 18.49 -5.24
CA HIS A 585 14.40 18.14 -5.29
C HIS A 585 14.77 17.11 -6.36
N LEU A 586 13.79 16.43 -6.99
CA LEU A 586 14.04 15.55 -8.13
C LEU A 586 14.26 16.32 -9.45
N SER A 587 14.02 17.64 -9.48
CA SER A 587 14.28 18.51 -10.64
C SER A 587 15.77 18.78 -10.88
#